data_9JUF
#
_entry.id   9JUF
#
_cell.length_a   57.001
_cell.length_b   91.096
_cell.length_c   57.944
_cell.angle_alpha   90.00
_cell.angle_beta   99.98
_cell.angle_gamma   90.00
#
_symmetry.space_group_name_H-M   'P 1 21 1'
#
loop_
_entity.id
_entity.type
_entity.pdbx_description
1 polymer 'ORF1ab polyprotein'
2 polymer 'Replicase polyprotein 1a'
3 water water
#
loop_
_entity_poly.entity_id
_entity_poly.type
_entity_poly.pdbx_seq_one_letter_code
_entity_poly.pdbx_strand_id
1 'polypeptide(L)'
;MAGLRKMAQPSGVVEKCIVRVCYGNMALNGLWLGDTVMCPRHVIASSTTSTIDYDYALSVLRLHNFSISSGNVFLGVVGV
TMRGALLQIKVNQNNVHTPKYTYRTVRPGESFNILACYDGAAAGVYGVNMRSNYTIRGSFINGAAGSPGYNINNGTVEFC
YLHQLELGSGCHVGSDLDGVMYGGYEDQPTLQVEGASSLFTENVLAFLYAALINGSTWWLSSSRIAVDRFNEWAVHNGMT
TVVNTDCFSIFAAKTGVDVQRLLASIQSLHKNFGGKQILGYTSLTDEFTTGEVIRQMYGVLEHHHHHHHH
;
A,B
2 'polypeptide(L)' TVRLQAGKQT C,D
#
# COMPACT_ATOMS: atom_id res chain seq x y z
N ALA A 2 14.57 7.52 -5.26
CA ALA A 2 14.60 6.22 -5.91
C ALA A 2 13.56 5.27 -5.32
N GLY A 3 13.18 4.26 -6.10
CA GLY A 3 12.27 3.22 -5.68
C GLY A 3 10.90 3.39 -6.33
N LEU A 4 10.18 2.27 -6.38
CA LEU A 4 8.80 2.27 -6.87
C LEU A 4 8.00 1.36 -5.96
N ARG A 5 6.94 1.89 -5.37
CA ARG A 5 6.06 1.12 -4.51
C ARG A 5 4.61 1.41 -4.90
N LYS A 6 3.80 0.36 -4.96
CA LYS A 6 2.35 0.52 -5.03
C LYS A 6 1.90 1.20 -3.74
N MET A 7 1.43 2.43 -3.82
CA MET A 7 1.03 3.16 -2.63
C MET A 7 -0.34 3.79 -2.81
N ALA A 8 -0.98 4.03 -1.67
CA ALA A 8 -2.28 4.68 -1.63
C ALA A 8 -2.11 6.14 -1.25
N GLN A 9 -3.10 6.93 -1.64
CA GLN A 9 -3.18 8.28 -1.16
C GLN A 9 -3.65 8.24 0.30
N PRO A 10 -3.30 9.25 1.09
CA PRO A 10 -3.66 9.21 2.52
C PRO A 10 -5.17 9.11 2.67
N SER A 11 -5.59 8.31 3.65
CA SER A 11 -6.98 7.86 3.76
C SER A 11 -7.83 8.65 4.76
N GLY A 12 -7.26 9.65 5.46
CA GLY A 12 -7.97 10.24 6.60
C GLY A 12 -9.31 10.88 6.26
N VAL A 13 -9.38 11.59 5.12
CA VAL A 13 -10.64 12.23 4.76
C VAL A 13 -11.72 11.20 4.43
N VAL A 14 -11.34 9.96 4.12
CA VAL A 14 -12.33 8.94 3.80
C VAL A 14 -12.72 8.13 5.03
N GLU A 15 -11.77 7.93 5.97
CA GLU A 15 -12.07 7.23 7.21
C GLU A 15 -13.26 7.83 7.93
N LYS A 16 -13.39 9.15 7.89
CA LYS A 16 -14.47 9.81 8.60
C LYS A 16 -15.84 9.48 8.02
N CYS A 17 -15.90 8.84 6.87
CA CYS A 17 -17.16 8.60 6.16
C CYS A 17 -17.63 7.17 6.21
N ILE A 18 -16.91 6.29 6.92
CA ILE A 18 -17.26 4.88 6.97
C ILE A 18 -18.26 4.66 8.09
N VAL A 19 -19.32 3.90 7.80
CA VAL A 19 -20.26 3.52 8.83
C VAL A 19 -20.47 2.02 8.77
N ARG A 20 -21.04 1.48 9.85
CA ARG A 20 -21.37 0.08 9.97
C ARG A 20 -22.86 -0.04 9.61
N VAL A 21 -23.17 -0.91 8.65
CA VAL A 21 -24.57 -1.15 8.23
C VAL A 21 -24.91 -2.59 8.54
N CYS A 22 -25.85 -2.81 9.45
CA CYS A 22 -26.35 -4.15 9.77
C CYS A 22 -27.86 -4.21 9.52
N TYR A 23 -28.31 -5.39 9.11
CA TYR A 23 -29.73 -5.68 8.92
C TYR A 23 -29.85 -7.19 9.02
N GLY A 24 -30.54 -7.68 10.05
CA GLY A 24 -30.68 -9.12 10.23
C GLY A 24 -29.35 -9.81 10.56
N ASN A 25 -29.07 -10.90 9.85
CA ASN A 25 -27.82 -11.64 9.98
C ASN A 25 -26.68 -11.04 9.16
N MET A 26 -26.90 -9.88 8.55
CA MET A 26 -25.96 -9.32 7.60
C MET A 26 -25.33 -8.07 8.19
N ALA A 27 -24.04 -7.91 7.97
CA ALA A 27 -23.35 -6.71 8.43
C ALA A 27 -22.27 -6.38 7.42
N LEU A 28 -22.22 -5.15 6.96
CA LEU A 28 -21.15 -4.73 6.06
C LEU A 28 -20.92 -3.25 6.29
N ASN A 29 -20.26 -2.59 5.35
CA ASN A 29 -19.92 -1.18 5.50
C ASN A 29 -20.77 -0.30 4.59
N GLY A 30 -20.92 0.96 4.98
CA GLY A 30 -21.57 1.94 4.15
C GLY A 30 -20.74 3.20 4.08
N LEU A 31 -21.08 4.07 3.13
CA LEU A 31 -20.39 5.33 2.96
C LEU A 31 -21.36 6.45 3.31
N TRP A 32 -20.99 7.29 4.28
CA TRP A 32 -21.87 8.31 4.85
C TRP A 32 -21.41 9.67 4.35
N LEU A 33 -22.13 10.20 3.37
CA LEU A 33 -21.84 11.50 2.80
C LEU A 33 -23.10 12.37 2.90
N GLY A 34 -22.96 13.55 3.49
CA GLY A 34 -24.15 14.35 3.76
C GLY A 34 -25.09 13.60 4.68
N ASP A 35 -26.35 13.47 4.24
CA ASP A 35 -27.37 12.78 5.03
C ASP A 35 -27.79 11.45 4.40
N THR A 36 -26.95 10.85 3.59
CA THR A 36 -27.29 9.57 3.01
C THR A 36 -26.15 8.58 3.19
N VAL A 37 -26.51 7.31 3.42
CA VAL A 37 -25.55 6.22 3.53
C VAL A 37 -25.76 5.29 2.35
N MET A 38 -24.69 5.02 1.62
CA MET A 38 -24.70 4.07 0.49
C MET A 38 -24.06 2.76 0.94
N CYS A 39 -24.65 1.64 0.53
CA CYS A 39 -24.10 0.33 0.86
C CYS A 39 -24.57 -0.68 -0.18
N PRO A 40 -23.87 -1.82 -0.31
CA PRO A 40 -24.38 -2.89 -1.18
C PRO A 40 -25.78 -3.31 -0.77
N ARG A 41 -26.64 -3.54 -1.77
CA ARG A 41 -28.00 -3.93 -1.47
C ARG A 41 -28.10 -5.35 -0.91
N HIS A 42 -27.09 -6.21 -1.07
CA HIS A 42 -27.32 -7.54 -0.52
C HIS A 42 -27.30 -7.56 1.02
N VAL A 43 -27.10 -6.41 1.68
CA VAL A 43 -27.21 -6.39 3.13
C VAL A 43 -28.65 -6.67 3.57
N ILE A 44 -29.64 -6.48 2.67
CA ILE A 44 -31.02 -6.81 3.00
C ILE A 44 -31.44 -8.16 2.44
N ALA A 45 -30.56 -8.81 1.70
CA ALA A 45 -30.84 -10.14 1.18
C ALA A 45 -31.00 -11.14 2.32
N SER A 46 -32.01 -12.00 2.20
CA SER A 46 -32.36 -12.90 3.29
C SER A 46 -31.35 -14.03 3.42
N SER A 47 -30.84 -14.51 2.30
CA SER A 47 -29.87 -15.59 2.26
C SER A 47 -28.82 -15.25 1.21
N THR A 48 -27.91 -16.21 0.97
CA THR A 48 -26.96 -16.10 -0.14
C THR A 48 -26.60 -17.46 -0.74
N THR A 49 -27.50 -18.44 -0.67
CA THR A 49 -27.36 -19.66 -1.46
C THR A 49 -28.27 -19.64 -2.68
N SER A 50 -29.55 -19.38 -2.47
CA SER A 50 -30.49 -19.22 -3.58
C SER A 50 -30.38 -17.82 -4.20
N THR A 51 -31.01 -17.67 -5.36
CA THR A 51 -31.13 -16.35 -6.00
C THR A 51 -31.84 -15.36 -5.07
N ILE A 52 -31.59 -14.07 -5.29
CA ILE A 52 -32.17 -13.00 -4.47
C ILE A 52 -33.08 -12.16 -5.35
N ASP A 53 -34.30 -11.90 -4.85
CA ASP A 53 -35.21 -10.95 -5.48
C ASP A 53 -35.14 -9.66 -4.67
N TYR A 54 -34.35 -8.71 -5.18
CA TYR A 54 -34.01 -7.55 -4.37
C TYR A 54 -35.21 -6.61 -4.23
N ASP A 55 -36.02 -6.50 -5.28
CA ASP A 55 -37.20 -5.66 -5.18
C ASP A 55 -38.17 -6.18 -4.13
N TYR A 56 -38.28 -7.50 -4.00
CA TYR A 56 -39.11 -8.06 -2.96
C TYR A 56 -38.48 -7.80 -1.58
N ALA A 57 -37.18 -8.08 -1.44
CA ALA A 57 -36.49 -7.85 -0.18
C ALA A 57 -36.69 -6.41 0.29
N LEU A 58 -36.62 -5.45 -0.63
CA LEU A 58 -36.89 -4.07 -0.24
C LEU A 58 -38.35 -3.85 0.14
N SER A 59 -39.30 -4.58 -0.46
CA SER A 59 -40.71 -4.30 -0.15
C SER A 59 -41.10 -4.74 1.27
N VAL A 60 -40.40 -5.74 1.81
CA VAL A 60 -40.69 -6.29 3.14
C VAL A 60 -39.78 -5.69 4.21
N LEU A 61 -39.04 -4.64 3.88
CA LEU A 61 -38.00 -4.11 4.75
C LEU A 61 -38.59 -3.44 5.97
N ARG A 62 -38.17 -3.89 7.16
CA ARG A 62 -38.51 -3.20 8.40
C ARG A 62 -37.42 -2.18 8.68
N LEU A 63 -37.73 -0.89 8.47
CA LEU A 63 -36.73 0.15 8.61
C LEU A 63 -36.07 0.10 9.98
N HIS A 64 -36.81 -0.34 11.00
CA HIS A 64 -36.31 -0.36 12.36
C HIS A 64 -35.28 -1.47 12.56
N ASN A 65 -35.31 -2.55 11.75
CA ASN A 65 -34.36 -3.64 11.86
C ASN A 65 -32.97 -3.21 11.31
N PHE A 66 -32.82 -1.96 10.87
CA PHE A 66 -31.51 -1.46 10.49
C PHE A 66 -30.70 -1.09 11.74
N SER A 67 -29.40 -1.04 11.56
CA SER A 67 -28.49 -0.57 12.60
C SER A 67 -27.30 0.03 11.88
N ILE A 68 -27.25 1.35 11.85
CA ILE A 68 -26.22 2.10 11.14
C ILE A 68 -25.51 2.94 12.16
N SER A 69 -24.20 2.75 12.29
CA SER A 69 -23.46 3.48 13.33
C SER A 69 -22.11 3.97 12.81
N SER A 70 -21.68 5.11 13.34
CA SER A 70 -20.38 5.71 13.10
C SER A 70 -19.69 5.74 14.45
N GLY A 71 -18.78 4.79 14.69
CA GLY A 71 -18.32 4.54 16.04
C GLY A 71 -19.48 4.11 16.91
N ASN A 72 -19.64 4.75 18.07
CA ASN A 72 -20.78 4.48 18.94
C ASN A 72 -21.92 5.48 18.73
N VAL A 73 -21.94 6.17 17.59
CA VAL A 73 -23.00 7.12 17.26
C VAL A 73 -23.91 6.43 16.26
N PHE A 74 -25.14 6.13 16.68
CA PHE A 74 -26.07 5.40 15.82
C PHE A 74 -26.92 6.39 15.05
N LEU A 75 -27.20 6.07 13.79
CA LEU A 75 -27.92 6.97 12.89
C LEU A 75 -29.32 6.45 12.71
N GLY A 76 -30.29 7.36 12.77
CA GLY A 76 -31.68 6.98 12.54
C GLY A 76 -31.97 6.97 11.05
N VAL A 77 -32.62 5.91 10.58
CA VAL A 77 -32.92 5.71 9.17
C VAL A 77 -34.24 6.42 8.82
N VAL A 78 -34.20 7.27 7.81
CA VAL A 78 -35.38 8.01 7.36
C VAL A 78 -36.06 7.31 6.20
N GLY A 79 -35.29 6.81 5.22
CA GLY A 79 -35.85 6.10 4.07
C GLY A 79 -34.78 5.32 3.35
N VAL A 80 -35.22 4.33 2.56
CA VAL A 80 -34.31 3.44 1.84
C VAL A 80 -34.85 3.25 0.43
N THR A 81 -34.02 3.54 -0.56
CA THR A 81 -34.39 3.28 -1.95
C THR A 81 -33.25 2.56 -2.66
N MET A 82 -33.58 2.01 -3.80
CA MET A 82 -32.64 1.19 -4.55
C MET A 82 -31.90 2.05 -5.56
N ARG A 83 -30.59 1.85 -5.64
CA ARG A 83 -29.77 2.54 -6.65
C ARG A 83 -28.90 1.48 -7.33
N GLY A 84 -29.43 0.88 -8.40
CA GLY A 84 -28.78 -0.27 -9.00
C GLY A 84 -28.47 -1.29 -7.93
N ALA A 85 -27.18 -1.62 -7.75
CA ALA A 85 -26.74 -2.62 -6.80
C ALA A 85 -26.40 -2.02 -5.44
N LEU A 86 -26.75 -0.76 -5.20
CA LEU A 86 -26.63 -0.13 -3.91
C LEU A 86 -28.01 0.16 -3.30
N LEU A 87 -28.03 0.29 -1.99
CA LEU A 87 -29.10 1.02 -1.30
C LEU A 87 -28.65 2.44 -1.05
N GLN A 88 -29.57 3.39 -1.29
CA GLN A 88 -29.43 4.77 -0.83
C GLN A 88 -30.32 4.95 0.40
N ILE A 89 -29.69 5.26 1.54
CA ILE A 89 -30.32 5.22 2.85
C ILE A 89 -30.29 6.64 3.39
N LYS A 90 -31.43 7.30 3.41
CA LYS A 90 -31.51 8.62 4.03
C LYS A 90 -31.49 8.44 5.55
N VAL A 91 -30.52 9.08 6.20
CA VAL A 91 -30.40 9.01 7.65
C VAL A 91 -30.71 10.40 8.20
N ASN A 92 -31.01 10.46 9.51
CA ASN A 92 -31.52 11.68 10.13
C ASN A 92 -30.43 12.68 10.53
N GLN A 93 -29.16 12.40 10.22
CA GLN A 93 -28.04 13.26 10.61
C GLN A 93 -27.10 13.47 9.43
N ASN A 94 -26.66 14.71 9.27
CA ASN A 94 -25.63 15.02 8.31
C ASN A 94 -24.25 14.67 8.86
N ASN A 95 -23.38 14.17 7.99
CA ASN A 95 -21.98 13.93 8.36
C ASN A 95 -21.24 15.25 8.24
N VAL A 96 -20.93 15.88 9.38
CA VAL A 96 -20.27 17.19 9.33
C VAL A 96 -18.88 17.07 8.73
N HIS A 97 -18.31 15.86 8.72
CA HIS A 97 -16.98 15.64 8.18
C HIS A 97 -17.01 15.18 6.72
N THR A 98 -18.13 15.37 6.04
CA THR A 98 -18.19 15.02 4.62
C THR A 98 -17.21 15.86 3.81
N PRO A 99 -16.33 15.25 3.04
CA PRO A 99 -15.36 16.01 2.24
C PRO A 99 -16.01 16.52 0.96
N LYS A 100 -15.32 17.43 0.30
CA LYS A 100 -15.70 17.71 -1.08
C LYS A 100 -15.55 16.43 -1.89
N TYR A 101 -16.56 16.07 -2.68
CA TYR A 101 -16.47 14.78 -3.32
C TYR A 101 -17.21 14.75 -4.65
N THR A 102 -16.84 13.76 -5.46
CA THR A 102 -17.51 13.47 -6.71
C THR A 102 -17.59 11.96 -6.88
N TYR A 103 -18.39 11.52 -7.85
CA TYR A 103 -18.41 10.15 -8.33
C TYR A 103 -17.77 10.09 -9.72
N ARG A 104 -17.00 9.05 -9.98
CA ARG A 104 -16.58 8.77 -11.35
C ARG A 104 -16.40 7.28 -11.55
N THR A 105 -16.90 6.76 -12.67
CA THR A 105 -16.71 5.37 -13.03
C THR A 105 -15.37 5.21 -13.75
N VAL A 106 -14.55 4.30 -13.28
CA VAL A 106 -13.22 4.16 -13.84
C VAL A 106 -13.24 3.10 -14.94
N ARG A 107 -12.24 3.19 -15.84
CA ARG A 107 -12.03 2.30 -16.97
C ARG A 107 -10.90 1.32 -16.69
N PRO A 108 -10.85 0.22 -17.43
CA PRO A 108 -9.68 -0.67 -17.33
C PRO A 108 -8.37 0.09 -17.48
N GLY A 109 -7.40 -0.27 -16.65
CA GLY A 109 -6.11 0.37 -16.67
C GLY A 109 -5.95 1.54 -15.73
N GLU A 110 -7.02 1.99 -15.10
CA GLU A 110 -6.96 3.10 -14.17
C GLU A 110 -6.67 2.60 -12.77
N SER A 111 -5.84 3.35 -12.03
CA SER A 111 -5.54 3.01 -10.66
C SER A 111 -6.45 3.78 -9.71
N PHE A 112 -6.69 3.20 -8.54
CA PHE A 112 -7.40 3.90 -7.46
C PHE A 112 -7.01 3.26 -6.14
N ASN A 113 -7.55 3.82 -5.05
CA ASN A 113 -7.24 3.40 -3.69
C ASN A 113 -8.42 2.65 -3.08
N ILE A 114 -8.12 1.54 -2.42
CA ILE A 114 -9.11 0.78 -1.64
C ILE A 114 -8.88 1.07 -0.17
N LEU A 115 -9.94 1.51 0.53
CA LEU A 115 -9.97 1.57 2.00
C LEU A 115 -10.75 0.36 2.46
N ALA A 116 -10.04 -0.69 2.88
CA ALA A 116 -10.67 -1.95 3.25
C ALA A 116 -11.25 -1.81 4.64
N CYS A 117 -12.55 -2.05 4.78
CA CYS A 117 -13.23 -1.80 6.04
C CYS A 117 -13.91 -3.04 6.58
N TYR A 118 -14.00 -3.12 7.90
CA TYR A 118 -14.76 -4.16 8.56
C TYR A 118 -15.47 -3.57 9.76
N ASP A 119 -16.72 -4.00 9.96
CA ASP A 119 -17.56 -3.52 11.06
C ASP A 119 -17.69 -2.01 11.06
N GLY A 120 -17.66 -1.39 9.89
CA GLY A 120 -17.78 0.05 9.81
C GLY A 120 -16.54 0.83 10.21
N ALA A 121 -15.37 0.21 10.20
CA ALA A 121 -14.14 0.93 10.54
C ALA A 121 -13.04 0.56 9.56
N ALA A 122 -12.27 1.56 9.14
CA ALA A 122 -11.19 1.28 8.19
C ALA A 122 -10.14 0.40 8.84
N ALA A 123 -9.69 -0.62 8.11
CA ALA A 123 -8.67 -1.53 8.59
C ALA A 123 -7.37 -1.43 7.81
N GLY A 124 -7.45 -1.17 6.52
CA GLY A 124 -6.26 -1.11 5.68
C GLY A 124 -6.50 -0.26 4.45
N VAL A 125 -5.41 0.17 3.82
CA VAL A 125 -5.54 0.94 2.61
C VAL A 125 -4.43 0.52 1.64
N TYR A 126 -4.78 0.27 0.39
CA TYR A 126 -3.82 -0.19 -0.62
C TYR A 126 -4.30 0.24 -2.00
N GLY A 127 -3.36 0.40 -2.92
CA GLY A 127 -3.73 0.73 -4.29
C GLY A 127 -4.04 -0.49 -5.13
N VAL A 128 -4.96 -0.28 -6.08
CA VAL A 128 -5.36 -1.32 -7.01
C VAL A 128 -5.36 -0.72 -8.40
N ASN A 129 -5.56 -1.58 -9.41
CA ASN A 129 -5.69 -1.17 -10.80
C ASN A 129 -6.78 -2.02 -11.45
N MET A 130 -7.72 -1.36 -12.14
CA MET A 130 -8.85 -2.05 -12.79
C MET A 130 -8.37 -2.92 -13.95
N ARG A 131 -8.66 -4.21 -13.86
CA ARG A 131 -8.25 -5.17 -14.87
C ARG A 131 -9.20 -5.12 -16.08
N SER A 132 -8.77 -5.72 -17.18
CA SER A 132 -9.58 -5.68 -18.40
C SER A 132 -10.90 -6.42 -18.26
N ASN A 133 -10.93 -7.46 -17.43
CA ASN A 133 -12.17 -8.16 -17.10
C ASN A 133 -12.93 -7.50 -15.94
N TYR A 134 -12.61 -6.25 -15.61
CA TYR A 134 -13.35 -5.43 -14.66
C TYR A 134 -13.30 -5.98 -13.23
N THR A 135 -12.24 -6.68 -12.87
CA THR A 135 -11.99 -7.14 -11.52
C THR A 135 -10.74 -6.46 -10.97
N ILE A 136 -10.55 -6.55 -9.66
CA ILE A 136 -9.33 -6.04 -9.05
C ILE A 136 -8.68 -7.14 -8.22
N ARG A 137 -7.35 -7.05 -8.08
CA ARG A 137 -6.56 -8.02 -7.34
C ARG A 137 -6.54 -7.47 -5.91
N GLY A 138 -7.55 -7.84 -5.14
CA GLY A 138 -7.73 -7.29 -3.82
C GLY A 138 -7.47 -8.30 -2.73
N SER A 139 -7.69 -7.82 -1.51
CA SER A 139 -7.64 -8.66 -0.33
C SER A 139 -8.86 -8.25 0.48
N PHE A 140 -9.89 -9.09 0.44
CA PHE A 140 -11.17 -8.86 1.07
C PHE A 140 -11.67 -10.17 1.63
N ILE A 141 -12.27 -10.13 2.82
CA ILE A 141 -12.96 -11.29 3.35
C ILE A 141 -14.36 -10.85 3.69
N ASN A 142 -15.20 -11.82 4.04
CA ASN A 142 -16.62 -11.52 4.27
C ASN A 142 -16.76 -10.41 5.32
N GLY A 143 -17.59 -9.43 5.00
CA GLY A 143 -17.73 -8.26 5.83
C GLY A 143 -17.09 -7.04 5.22
N ALA A 144 -16.28 -7.23 4.18
CA ALA A 144 -15.61 -6.14 3.50
C ALA A 144 -16.49 -5.35 2.56
N ALA A 145 -17.66 -5.87 2.17
CA ALA A 145 -18.48 -5.18 1.18
C ALA A 145 -18.86 -3.80 1.71
N GLY A 146 -18.96 -2.85 0.79
CA GLY A 146 -19.12 -1.46 1.17
C GLY A 146 -17.81 -0.69 1.36
N SER A 147 -16.68 -1.40 1.48
CA SER A 147 -15.37 -0.75 1.44
C SER A 147 -15.28 0.14 0.20
N PRO A 148 -14.90 1.40 0.34
CA PRO A 148 -14.89 2.29 -0.83
C PRO A 148 -13.56 2.30 -1.54
N GLY A 149 -13.63 2.56 -2.84
CA GLY A 149 -12.48 2.86 -3.67
C GLY A 149 -12.55 4.34 -4.02
N TYR A 150 -11.40 4.99 -4.06
CA TYR A 150 -11.40 6.44 -4.13
C TYR A 150 -10.09 6.91 -4.76
N ASN A 151 -10.12 8.14 -5.30
CA ASN A 151 -8.95 8.91 -5.66
C ASN A 151 -9.10 10.29 -5.04
N ILE A 152 -7.98 10.96 -4.75
CA ILE A 152 -8.00 12.32 -4.22
C ILE A 152 -7.27 13.23 -5.19
N ASN A 153 -7.97 14.23 -5.72
CA ASN A 153 -7.36 15.24 -6.58
C ASN A 153 -7.75 16.61 -6.07
N ASN A 154 -6.76 17.42 -5.71
CA ASN A 154 -6.98 18.82 -5.34
C ASN A 154 -7.90 18.94 -4.12
N GLY A 155 -7.82 17.97 -3.21
CA GLY A 155 -8.70 17.98 -2.05
C GLY A 155 -10.10 17.44 -2.28
N THR A 156 -10.47 17.12 -3.51
CA THR A 156 -11.74 16.49 -3.80
C THR A 156 -11.58 14.98 -3.81
N VAL A 157 -12.47 14.27 -3.11
CA VAL A 157 -12.46 12.81 -3.11
C VAL A 157 -13.37 12.34 -4.24
N GLU A 158 -12.81 11.58 -5.17
CA GLU A 158 -13.53 11.02 -6.30
C GLU A 158 -13.82 9.56 -5.97
N PHE A 159 -15.09 9.25 -5.65
CA PHE A 159 -15.47 7.90 -5.24
C PHE A 159 -15.81 7.10 -6.49
N CYS A 160 -15.15 5.96 -6.66
CA CYS A 160 -15.25 5.20 -7.91
C CYS A 160 -15.61 3.73 -7.72
N TYR A 161 -15.80 3.28 -6.50
CA TYR A 161 -15.90 1.86 -6.22
C TYR A 161 -16.50 1.68 -4.85
N LEU A 162 -17.45 0.75 -4.75
CA LEU A 162 -17.87 0.20 -3.47
C LEU A 162 -17.82 -1.30 -3.58
N HIS A 163 -17.12 -1.95 -2.64
CA HIS A 163 -16.91 -3.40 -2.78
C HIS A 163 -18.21 -4.19 -2.69
N GLN A 164 -18.32 -5.23 -3.53
CA GLN A 164 -19.53 -6.04 -3.59
C GLN A 164 -19.27 -7.53 -3.33
N LEU A 165 -18.38 -8.17 -4.08
CA LEU A 165 -18.35 -9.62 -4.09
C LEU A 165 -16.98 -10.10 -4.54
N GLU A 166 -16.74 -11.39 -4.34
CA GLU A 166 -15.56 -12.08 -4.82
C GLU A 166 -15.99 -13.12 -5.85
N LEU A 167 -15.30 -13.16 -6.99
CA LEU A 167 -15.63 -14.12 -8.02
C LEU A 167 -15.02 -15.49 -7.70
N GLY A 168 -15.40 -16.49 -8.49
CA GLY A 168 -15.03 -17.87 -8.23
C GLY A 168 -13.55 -18.14 -8.03
N SER A 169 -12.71 -17.16 -8.39
CA SER A 169 -11.27 -17.33 -8.36
C SER A 169 -10.57 -16.50 -7.29
N GLY A 170 -11.25 -15.53 -6.68
CA GLY A 170 -10.57 -14.58 -5.83
C GLY A 170 -10.38 -13.21 -6.46
N CYS A 171 -10.82 -13.02 -7.70
CA CYS A 171 -11.02 -11.68 -8.22
C CYS A 171 -12.09 -10.96 -7.42
N HIS A 172 -11.99 -9.63 -7.37
CA HIS A 172 -12.91 -8.85 -6.57
C HIS A 172 -13.66 -7.85 -7.43
N VAL A 173 -14.95 -7.75 -7.18
CA VAL A 173 -15.84 -6.94 -7.99
C VAL A 173 -16.57 -5.97 -7.09
N GLY A 174 -16.61 -4.70 -7.49
CA GLY A 174 -17.50 -3.78 -6.84
C GLY A 174 -18.44 -3.15 -7.84
N SER A 175 -19.24 -2.20 -7.39
CA SER A 175 -19.99 -1.33 -8.27
C SER A 175 -19.44 0.07 -8.17
N ASP A 176 -19.82 0.91 -9.13
CA ASP A 176 -19.56 2.31 -8.89
C ASP A 176 -20.64 2.83 -7.94
N LEU A 177 -20.53 4.10 -7.65
CA LEU A 177 -21.39 4.77 -6.68
C LEU A 177 -22.74 5.12 -7.29
N ASP A 178 -22.88 4.98 -8.60
CA ASP A 178 -24.19 5.04 -9.24
C ASP A 178 -24.96 3.75 -9.08
N GLY A 179 -24.30 2.69 -8.60
CA GLY A 179 -24.90 1.38 -8.45
C GLY A 179 -24.71 0.44 -9.62
N VAL A 180 -23.89 0.81 -10.60
CA VAL A 180 -23.62 -0.04 -11.76
C VAL A 180 -22.45 -0.97 -11.43
N MET A 181 -22.71 -2.27 -11.39
CA MET A 181 -21.62 -3.25 -11.20
C MET A 181 -20.57 -3.12 -12.30
N TYR A 182 -19.29 -3.09 -11.90
CA TYR A 182 -18.22 -3.14 -12.89
C TYR A 182 -18.25 -4.47 -13.63
N GLY A 183 -18.06 -4.39 -14.95
CA GLY A 183 -18.05 -5.58 -15.77
C GLY A 183 -19.37 -6.30 -15.91
N GLY A 184 -20.46 -5.72 -15.40
CA GLY A 184 -21.77 -6.33 -15.53
C GLY A 184 -22.00 -7.58 -14.71
N TYR A 185 -21.10 -7.93 -13.78
CA TYR A 185 -21.34 -9.12 -12.97
C TYR A 185 -22.60 -8.93 -12.15
N GLU A 186 -23.20 -10.04 -11.71
CA GLU A 186 -24.43 -9.97 -10.94
C GLU A 186 -24.14 -10.16 -9.47
N ASP A 187 -24.83 -9.39 -8.62
CA ASP A 187 -24.72 -9.61 -7.18
C ASP A 187 -25.72 -10.71 -6.78
N GLN A 188 -25.40 -11.91 -7.26
CA GLN A 188 -26.11 -13.16 -7.05
C GLN A 188 -25.08 -14.24 -6.76
N PRO A 189 -25.37 -15.14 -5.83
CA PRO A 189 -24.39 -16.19 -5.46
C PRO A 189 -24.39 -17.35 -6.44
N THR A 190 -24.16 -17.04 -7.71
CA THR A 190 -24.28 -18.00 -8.79
C THR A 190 -22.93 -18.20 -9.46
N LEU A 191 -22.88 -19.23 -10.30
CA LEU A 191 -21.72 -19.50 -11.13
C LEU A 191 -21.59 -18.39 -12.17
N GLN A 192 -20.59 -17.55 -12.02
CA GLN A 192 -20.16 -16.59 -13.02
C GLN A 192 -18.65 -16.66 -13.06
N VAL A 193 -18.09 -16.72 -14.26
CA VAL A 193 -16.65 -16.78 -14.41
C VAL A 193 -16.21 -15.55 -15.19
N GLU A 194 -15.14 -14.92 -14.73
CA GLU A 194 -14.66 -13.70 -15.36
C GLU A 194 -13.89 -14.05 -16.62
N GLY A 195 -13.83 -13.09 -17.54
CA GLY A 195 -13.04 -13.27 -18.74
C GLY A 195 -11.56 -13.33 -18.44
N ALA A 196 -10.77 -13.66 -19.46
CA ALA A 196 -9.32 -13.64 -19.29
C ALA A 196 -8.84 -12.20 -19.19
N SER A 197 -7.95 -11.95 -18.23
CA SER A 197 -7.36 -10.64 -18.08
C SER A 197 -6.23 -10.49 -19.10
N SER A 198 -6.10 -9.30 -19.68
CA SER A 198 -4.95 -8.96 -20.50
C SER A 198 -4.14 -7.86 -19.83
N LEU A 199 -2.83 -8.04 -19.79
CA LEU A 199 -1.95 -7.03 -19.21
C LEU A 199 -2.12 -5.71 -19.94
N PHE A 200 -2.31 -4.64 -19.18
CA PHE A 200 -2.41 -3.31 -19.76
C PHE A 200 -1.02 -2.83 -20.15
N THR A 201 -0.75 -2.83 -21.46
CA THR A 201 0.60 -2.63 -21.95
C THR A 201 1.15 -1.27 -21.57
N GLU A 202 0.34 -0.22 -21.73
CA GLU A 202 0.83 1.12 -21.44
C GLU A 202 1.26 1.25 -19.98
N ASN A 203 0.64 0.47 -19.09
CA ASN A 203 1.12 0.40 -17.72
C ASN A 203 2.42 -0.38 -17.62
N VAL A 204 2.53 -1.51 -18.35
CA VAL A 204 3.79 -2.23 -18.39
C VAL A 204 4.93 -1.32 -18.85
N LEU A 205 4.63 -0.42 -19.80
CA LEU A 205 5.63 0.53 -20.26
C LEU A 205 6.01 1.54 -19.16
N ALA A 206 5.02 2.06 -18.42
CA ALA A 206 5.34 2.98 -17.33
C ALA A 206 6.22 2.30 -16.30
N PHE A 207 5.98 1.01 -16.06
CA PHE A 207 6.79 0.26 -15.10
C PHE A 207 8.22 0.12 -15.60
N LEU A 208 8.41 -0.21 -16.87
CA LEU A 208 9.76 -0.40 -17.41
C LEU A 208 10.54 0.91 -17.45
N TYR A 209 9.84 2.03 -17.69
CA TYR A 209 10.50 3.33 -17.62
C TYR A 209 10.91 3.67 -16.19
N ALA A 210 10.05 3.37 -15.22
CA ALA A 210 10.45 3.55 -13.83
C ALA A 210 11.65 2.67 -13.52
N ALA A 211 11.68 1.47 -14.12
CA ALA A 211 12.81 0.58 -13.94
C ALA A 211 14.08 1.21 -14.50
N LEU A 212 14.00 1.79 -15.69
CA LEU A 212 15.13 2.53 -16.26
C LEU A 212 15.55 3.69 -15.34
N ILE A 213 14.57 4.48 -14.88
CA ILE A 213 14.90 5.63 -14.02
C ILE A 213 15.59 5.18 -12.75
N ASN A 214 15.35 3.95 -12.29
CA ASN A 214 15.96 3.41 -11.07
C ASN A 214 17.21 2.59 -11.34
N GLY A 215 17.76 2.64 -12.54
CA GLY A 215 19.00 1.93 -12.82
C GLY A 215 18.87 0.49 -13.28
N SER A 216 17.65 0.00 -13.52
CA SER A 216 17.45 -1.35 -14.06
C SER A 216 17.47 -1.27 -15.59
N THR A 217 18.53 -1.81 -16.20
CA THR A 217 18.67 -1.74 -17.65
C THR A 217 19.03 -3.06 -18.31
N TRP A 218 19.28 -4.13 -17.56
CA TRP A 218 19.78 -5.38 -18.15
C TRP A 218 18.83 -5.95 -19.20
N TRP A 219 17.53 -5.73 -19.02
CA TRP A 219 16.50 -6.21 -19.92
C TRP A 219 16.35 -5.33 -21.17
N LEU A 220 16.99 -4.16 -21.19
CA LEU A 220 16.81 -3.22 -22.29
C LEU A 220 17.64 -3.64 -23.49
N SER A 221 17.00 -3.63 -24.65
CA SER A 221 17.65 -3.97 -25.90
C SER A 221 17.86 -2.73 -26.76
N SER A 222 18.84 -2.83 -27.66
CA SER A 222 18.83 -2.00 -28.84
C SER A 222 17.81 -2.50 -29.87
N SER A 223 17.45 -3.79 -29.79
CA SER A 223 16.35 -4.32 -30.58
C SER A 223 15.09 -3.49 -30.36
N ARG A 224 14.28 -3.37 -31.40
CA ARG A 224 13.25 -2.35 -31.48
C ARG A 224 12.14 -2.86 -32.37
N ILE A 225 10.89 -2.66 -31.97
CA ILE A 225 9.74 -3.17 -32.73
C ILE A 225 8.68 -2.08 -32.86
N ALA A 226 8.15 -1.95 -34.07
CA ALA A 226 7.12 -0.96 -34.34
C ALA A 226 5.85 -1.32 -33.58
N VAL A 227 5.11 -0.28 -33.19
CA VAL A 227 3.84 -0.45 -32.50
C VAL A 227 2.94 -1.43 -33.25
N ASP A 228 3.03 -1.43 -34.58
CA ASP A 228 2.17 -2.27 -35.42
C ASP A 228 2.44 -3.74 -35.19
N ARG A 229 3.67 -4.20 -35.48
CA ARG A 229 3.97 -5.62 -35.29
C ARG A 229 3.86 -6.05 -33.85
N PHE A 230 3.91 -5.11 -32.90
CA PHE A 230 3.67 -5.46 -31.50
C PHE A 230 2.21 -5.83 -31.28
N ASN A 231 1.29 -4.94 -31.65
CA ASN A 231 -0.13 -5.21 -31.46
C ASN A 231 -0.56 -6.54 -32.09
N GLU A 232 0.05 -6.92 -33.22
CA GLU A 232 -0.24 -8.22 -33.81
C GLU A 232 0.18 -9.37 -32.89
N TRP A 233 1.33 -9.20 -32.22
CA TRP A 233 1.83 -10.20 -31.27
C TRP A 233 1.06 -10.16 -29.94
N ALA A 234 0.64 -8.96 -29.51
CA ALA A 234 -0.05 -8.79 -28.24
C ALA A 234 -1.32 -9.62 -28.16
N VAL A 235 -2.16 -9.55 -29.20
CA VAL A 235 -3.48 -10.18 -29.13
C VAL A 235 -3.39 -11.71 -29.05
N HIS A 236 -2.26 -12.29 -29.42
CA HIS A 236 -2.02 -13.72 -29.23
C HIS A 236 -1.21 -14.03 -27.96
N ASN A 237 -0.93 -13.01 -27.12
CA ASN A 237 -0.05 -13.19 -25.97
C ASN A 237 -0.53 -12.46 -24.72
N GLY A 238 -1.84 -12.26 -24.57
CA GLY A 238 -2.39 -11.78 -23.31
C GLY A 238 -2.05 -10.36 -22.94
N MET A 239 -1.82 -9.48 -23.90
CA MET A 239 -1.59 -8.08 -23.61
C MET A 239 -2.49 -7.24 -24.50
N THR A 240 -2.58 -5.96 -24.14
CA THR A 240 -3.39 -5.01 -24.88
C THR A 240 -2.56 -4.31 -25.94
N THR A 241 -3.28 -3.57 -26.79
CA THR A 241 -2.63 -2.83 -27.88
C THR A 241 -2.20 -1.50 -27.34
N VAL A 242 -1.15 -0.95 -27.95
CA VAL A 242 -0.71 0.42 -27.55
C VAL A 242 -1.30 1.38 -28.58
N VAL A 243 -1.87 2.47 -28.10
CA VAL A 243 -2.46 3.49 -29.02
C VAL A 243 -1.64 4.76 -28.87
N ASN A 244 -1.90 5.52 -27.81
CA ASN A 244 -1.17 6.80 -27.57
C ASN A 244 0.23 6.49 -27.05
N THR A 245 1.25 6.95 -27.77
CA THR A 245 2.64 6.80 -27.31
C THR A 245 3.08 8.15 -26.81
N ASP A 246 2.23 9.14 -26.98
CA ASP A 246 2.62 10.53 -26.64
C ASP A 246 2.64 10.69 -25.12
N CYS A 247 2.01 9.76 -24.40
CA CYS A 247 2.07 9.81 -22.94
C CYS A 247 3.44 9.35 -22.42
N PHE A 248 4.24 8.72 -23.27
CA PHE A 248 5.58 8.27 -22.93
C PHE A 248 6.65 9.26 -23.40
N SER A 249 6.24 10.41 -23.93
CA SER A 249 7.21 11.38 -24.45
C SER A 249 8.11 11.89 -23.33
N ILE A 250 7.54 12.15 -22.16
CA ILE A 250 8.32 12.66 -21.05
C ILE A 250 9.31 11.60 -20.57
N PHE A 251 8.93 10.32 -20.65
CA PHE A 251 9.82 9.25 -20.20
C PHE A 251 10.95 9.01 -21.20
N ALA A 252 10.60 8.93 -22.50
CA ALA A 252 11.63 8.84 -23.53
C ALA A 252 12.60 10.02 -23.43
N ALA A 253 12.10 11.18 -23.06
CA ALA A 253 12.93 12.38 -23.08
C ALA A 253 13.96 12.39 -21.96
N LYS A 254 13.63 11.87 -20.78
CA LYS A 254 14.63 11.92 -19.73
C LYS A 254 15.32 10.60 -19.46
N THR A 255 15.02 9.55 -20.24
CA THR A 255 15.85 8.35 -20.20
C THR A 255 16.62 8.11 -21.50
N GLY A 256 16.24 8.77 -22.59
CA GLY A 256 16.80 8.45 -23.89
C GLY A 256 16.31 7.15 -24.50
N VAL A 257 15.35 6.47 -23.88
CA VAL A 257 14.85 5.19 -24.35
C VAL A 257 13.45 5.38 -24.92
N ASP A 258 13.26 4.92 -26.15
CA ASP A 258 11.99 5.10 -26.85
C ASP A 258 11.13 3.83 -26.77
N VAL A 259 9.81 4.03 -26.95
CA VAL A 259 8.81 2.97 -26.71
C VAL A 259 9.16 1.69 -27.46
N GLN A 260 9.55 1.81 -28.73
CA GLN A 260 9.77 0.61 -29.53
C GLN A 260 10.83 -0.30 -28.93
N ARG A 261 11.82 0.27 -28.23
CA ARG A 261 12.81 -0.56 -27.56
C ARG A 261 12.19 -1.26 -26.36
N LEU A 262 11.39 -0.53 -25.57
CA LEU A 262 10.66 -1.15 -24.46
C LEU A 262 9.66 -2.18 -24.96
N LEU A 263 8.94 -1.86 -26.04
CA LEU A 263 8.00 -2.84 -26.60
C LEU A 263 8.70 -4.14 -26.98
N ALA A 264 9.93 -4.04 -27.52
CA ALA A 264 10.66 -5.25 -27.85
C ALA A 264 11.19 -5.94 -26.60
N SER A 265 11.51 -5.16 -25.55
CA SER A 265 11.84 -5.78 -24.27
C SER A 265 10.66 -6.56 -23.72
N ILE A 266 9.45 -6.01 -23.85
CA ILE A 266 8.24 -6.66 -23.38
C ILE A 266 8.11 -8.08 -23.94
N GLN A 267 8.34 -8.24 -25.25
CA GLN A 267 8.15 -9.55 -25.84
C GLN A 267 9.16 -10.55 -25.30
N SER A 268 10.40 -10.10 -25.10
CA SER A 268 11.43 -10.98 -24.55
C SER A 268 11.11 -11.36 -23.10
N LEU A 269 10.59 -10.40 -22.34
CA LEU A 269 10.31 -10.61 -20.92
C LEU A 269 8.98 -11.32 -20.65
N HIS A 270 8.16 -11.53 -21.67
CA HIS A 270 6.82 -12.06 -21.43
C HIS A 270 6.83 -13.47 -20.81
N ASN A 272 8.81 -14.73 -18.75
CA ASN A 272 10.20 -15.08 -18.41
C ASN A 272 11.16 -13.91 -18.14
N PHE A 273 11.77 -13.92 -16.95
CA PHE A 273 12.83 -12.99 -16.61
C PHE A 273 14.19 -13.67 -16.58
N GLY A 274 14.24 -14.98 -16.86
CA GLY A 274 15.49 -15.72 -16.86
C GLY A 274 16.10 -15.91 -15.49
N GLY A 275 15.30 -15.80 -14.43
CA GLY A 275 15.81 -15.84 -13.09
C GLY A 275 16.29 -14.52 -12.54
N LYS A 276 16.07 -13.43 -13.27
CA LYS A 276 16.48 -12.11 -12.80
C LYS A 276 15.26 -11.33 -12.29
N GLN A 277 15.51 -10.10 -11.84
CA GLN A 277 14.48 -9.25 -11.26
C GLN A 277 14.52 -7.87 -11.89
N ILE A 278 13.37 -7.20 -11.84
CA ILE A 278 13.20 -5.81 -12.25
C ILE A 278 12.44 -5.10 -11.14
N LEU A 279 13.14 -4.28 -10.35
CA LEU A 279 12.54 -3.57 -9.22
C LEU A 279 11.86 -4.56 -8.27
N GLY A 280 12.44 -5.75 -8.13
CA GLY A 280 11.91 -6.77 -7.27
C GLY A 280 10.95 -7.74 -7.90
N TYR A 281 10.42 -7.42 -9.10
CA TYR A 281 9.47 -8.26 -9.80
C TYR A 281 10.18 -9.33 -10.62
N THR A 282 9.55 -10.50 -10.70
CA THR A 282 10.02 -11.61 -11.52
C THR A 282 9.07 -11.91 -12.68
N SER A 283 8.11 -11.02 -12.90
CA SER A 283 7.15 -11.08 -13.99
C SER A 283 6.66 -9.65 -14.26
N LEU A 284 6.13 -9.44 -15.46
CA LEU A 284 5.64 -8.12 -15.83
C LEU A 284 4.42 -7.74 -15.00
N THR A 285 4.37 -6.50 -14.55
CA THR A 285 3.22 -5.97 -13.82
C THR A 285 2.63 -4.80 -14.58
N ASP A 286 1.30 -4.80 -14.71
CA ASP A 286 0.55 -3.68 -15.29
C ASP A 286 -0.21 -2.86 -14.24
N GLU A 287 0.22 -2.88 -12.98
CA GLU A 287 -0.53 -2.17 -11.96
C GLU A 287 -0.14 -0.70 -11.78
N PHE A 288 0.89 -0.23 -12.47
CA PHE A 288 1.36 1.15 -12.31
C PHE A 288 0.99 1.96 -13.54
N THR A 289 0.33 3.10 -13.35
CA THR A 289 0.02 3.99 -14.46
C THR A 289 1.14 4.99 -14.65
N THR A 290 1.17 5.60 -15.85
CA THR A 290 2.16 6.64 -16.11
C THR A 290 2.06 7.76 -15.10
N GLY A 291 0.84 8.09 -14.67
CA GLY A 291 0.66 9.15 -13.68
C GLY A 291 1.23 8.79 -12.32
N GLU A 292 1.04 7.55 -11.88
CA GLU A 292 1.65 7.10 -10.63
C GLU A 292 3.17 7.16 -10.72
N VAL A 293 3.71 6.66 -11.83
CA VAL A 293 5.16 6.62 -11.99
C VAL A 293 5.74 8.03 -11.98
N ILE A 294 5.10 8.96 -12.69
CA ILE A 294 5.58 10.34 -12.73
C ILE A 294 5.62 10.95 -11.34
N ARG A 295 4.54 10.78 -10.56
CA ARG A 295 4.54 11.37 -9.22
C ARG A 295 5.63 10.75 -8.34
N GLN A 296 5.88 9.46 -8.47
CA GLN A 296 6.88 8.84 -7.60
C GLN A 296 8.32 9.15 -8.02
N MET A 297 8.58 9.37 -9.32
CA MET A 297 9.94 9.72 -9.73
C MET A 297 10.21 11.21 -9.63
N TYR A 298 9.18 12.05 -9.74
CA TYR A 298 9.41 13.49 -9.86
C TYR A 298 8.52 14.36 -9.00
N GLY A 299 7.50 13.82 -8.35
CA GLY A 299 6.64 14.60 -7.49
C GLY A 299 5.58 15.47 -8.15
N VAL A 300 5.58 15.61 -9.48
CA VAL A 300 4.61 16.49 -10.13
C VAL A 300 3.34 15.73 -10.54
N ALA B 2 -10.62 -13.82 0.29
CA ALA B 2 -9.43 -14.40 -0.35
C ALA B 2 -8.50 -13.27 -0.79
N GLY B 3 -7.27 -13.60 -1.15
CA GLY B 3 -6.36 -12.58 -1.63
C GLY B 3 -5.30 -12.21 -0.60
N LEU B 4 -4.15 -11.75 -1.10
CA LEU B 4 -3.11 -11.21 -0.22
C LEU B 4 -2.56 -9.95 -0.83
N ARG B 5 -2.65 -8.85 -0.09
CA ARG B 5 -2.13 -7.55 -0.52
C ARG B 5 -1.35 -6.91 0.62
N LYS B 6 -0.19 -6.36 0.29
CA LYS B 6 0.56 -5.53 1.22
C LYS B 6 -0.17 -4.21 1.42
N MET B 7 -0.73 -3.98 2.60
CA MET B 7 -1.49 -2.77 2.80
C MET B 7 -0.92 -1.99 3.99
N ALA B 8 -1.28 -0.71 4.06
CA ALA B 8 -0.97 0.13 5.21
C ALA B 8 -2.19 0.19 6.13
N GLN B 9 -1.94 0.41 7.41
CA GLN B 9 -3.01 0.76 8.32
C GLN B 9 -3.48 2.19 8.01
N PRO B 10 -4.73 2.50 8.31
CA PRO B 10 -5.26 3.81 7.92
C PRO B 10 -4.43 4.92 8.54
N SER B 11 -4.26 6.02 7.79
CA SER B 11 -3.29 7.05 8.13
C SER B 11 -3.90 8.30 8.73
N GLY B 12 -5.24 8.36 8.90
CA GLY B 12 -5.88 9.56 9.41
C GLY B 12 -5.25 10.12 10.68
N VAL B 13 -4.96 9.27 11.66
CA VAL B 13 -4.49 9.79 12.96
C VAL B 13 -3.08 10.34 12.89
N VAL B 14 -2.32 9.97 11.87
CA VAL B 14 -0.98 10.51 11.70
C VAL B 14 -0.98 11.76 10.83
N GLU B 15 -1.90 11.84 9.86
CA GLU B 15 -1.93 12.95 8.91
C GLU B 15 -1.96 14.30 9.59
N LYS B 16 -2.63 14.39 10.73
CA LYS B 16 -2.76 15.69 11.37
C LYS B 16 -1.54 16.07 12.18
N CYS B 17 -0.52 15.21 12.20
CA CYS B 17 0.70 15.43 12.98
C CYS B 17 1.89 15.83 12.12
N ILE B 18 1.69 16.00 10.81
CA ILE B 18 2.73 16.41 9.88
C ILE B 18 2.80 17.92 9.81
N VAL B 19 4.04 18.47 9.90
CA VAL B 19 4.30 19.88 9.67
C VAL B 19 5.45 20.01 8.66
N ARG B 20 5.52 21.21 8.09
CA ARG B 20 6.62 21.61 7.24
C ARG B 20 7.67 22.30 8.11
N VAL B 21 8.90 21.83 8.05
CA VAL B 21 10.00 22.42 8.83
C VAL B 21 11.02 22.99 7.85
N CYS B 22 11.18 24.31 7.85
CA CYS B 22 12.12 25.00 6.98
C CYS B 22 13.19 25.68 7.80
N TYR B 23 14.43 25.60 7.31
CA TYR B 23 15.56 26.32 7.91
C TYR B 23 16.60 26.59 6.85
N GLY B 24 16.84 27.86 6.56
CA GLY B 24 17.75 28.16 5.45
C GLY B 24 17.13 27.71 4.16
N ASN B 25 17.98 27.17 3.27
CA ASN B 25 17.53 26.54 2.03
C ASN B 25 17.11 25.08 2.19
N MET B 26 16.91 24.62 3.43
CA MET B 26 16.45 23.27 3.67
C MET B 26 14.99 23.26 4.06
N ALA B 27 14.25 22.32 3.49
CA ALA B 27 12.87 22.07 3.87
C ALA B 27 12.68 20.57 3.92
N LEU B 28 12.00 20.09 4.95
CA LEU B 28 11.61 18.69 5.04
C LEU B 28 10.41 18.62 5.98
N ASN B 29 10.07 17.42 6.43
CA ASN B 29 8.90 17.21 7.26
C ASN B 29 9.25 16.99 8.72
N GLY B 30 8.31 17.36 9.59
CA GLY B 30 8.46 17.12 11.01
C GLY B 30 7.19 16.49 11.55
N LEU B 31 7.30 15.98 12.78
CA LEU B 31 6.24 15.24 13.43
C LEU B 31 5.84 15.99 14.70
N TRP B 32 4.64 16.57 14.67
CA TRP B 32 4.19 17.51 15.70
C TRP B 32 3.27 16.78 16.67
N LEU B 33 3.78 16.55 17.87
CA LEU B 33 3.07 15.87 18.94
C LEU B 33 3.17 16.73 20.17
N GLY B 34 2.04 16.98 20.82
CA GLY B 34 2.07 17.85 21.98
C GLY B 34 2.58 19.21 21.56
N ASP B 35 3.57 19.74 22.31
CA ASP B 35 4.15 21.02 21.94
C ASP B 35 5.57 20.88 21.39
N THR B 36 5.91 19.71 20.81
CA THR B 36 7.22 19.54 20.20
C THR B 36 7.10 19.07 18.75
N VAL B 37 8.10 19.43 17.96
CA VAL B 37 8.22 18.97 16.58
C VAL B 37 9.54 18.24 16.46
N MET B 38 9.46 16.94 16.12
CA MET B 38 10.62 16.08 15.86
C MET B 38 10.92 16.08 14.37
N CYS B 39 12.19 16.28 14.03
CA CYS B 39 12.54 16.38 12.62
C CYS B 39 14.02 16.04 12.43
N PRO B 40 14.39 15.54 11.26
CA PRO B 40 15.81 15.18 11.04
C PRO B 40 16.73 16.39 11.20
N ARG B 41 17.88 16.17 11.85
CA ARG B 41 18.76 17.31 12.14
C ARG B 41 19.46 17.85 10.90
N HIS B 42 19.39 17.18 9.75
CA HIS B 42 20.11 17.73 8.57
C HIS B 42 19.40 18.97 8.00
N VAL B 43 18.28 19.38 8.59
CA VAL B 43 17.58 20.62 8.13
C VAL B 43 18.40 21.86 8.52
N ILE B 44 19.33 21.72 9.47
CA ILE B 44 20.13 22.88 9.96
C ILE B 44 21.55 22.75 9.41
N ALA B 45 21.81 21.72 8.62
CA ALA B 45 23.13 21.53 7.97
C ALA B 45 23.24 22.50 6.80
N SER B 46 24.45 22.78 6.36
CA SER B 46 24.62 23.83 5.33
C SER B 46 24.84 23.32 3.90
N SER B 47 25.81 22.44 3.67
CA SER B 47 26.16 22.07 2.27
C SER B 47 25.45 20.80 1.78
N THR B 48 25.98 20.20 0.71
CA THR B 48 25.36 19.00 0.10
C THR B 48 26.25 17.79 0.32
N SER B 50 30.41 18.46 2.09
CA SER B 50 31.43 18.21 3.12
C SER B 50 30.86 17.36 4.29
N THR B 51 31.67 17.13 5.34
CA THR B 51 31.17 16.44 6.54
C THR B 51 30.68 17.45 7.56
N ILE B 52 29.54 17.14 8.17
CA ILE B 52 28.73 18.12 8.90
C ILE B 52 29.00 17.95 10.38
N ASP B 53 29.37 19.06 11.05
CA ASP B 53 29.45 19.10 12.52
C ASP B 53 28.12 19.64 13.01
N TYR B 54 27.22 18.73 13.38
CA TYR B 54 25.87 19.12 13.77
C TYR B 54 25.88 19.95 15.04
N ASP B 55 26.88 19.74 15.90
CA ASP B 55 26.98 20.53 17.12
C ASP B 55 27.31 21.99 16.81
N TYR B 56 28.18 22.21 15.83
CA TYR B 56 28.47 23.56 15.40
C TYR B 56 27.25 24.18 14.73
N ALA B 57 26.66 23.45 13.78
CA ALA B 57 25.42 23.89 13.15
C ALA B 57 24.41 24.34 14.19
N LEU B 58 24.26 23.59 15.28
CA LEU B 58 23.29 23.99 16.28
C LEU B 58 23.77 25.22 17.07
N SER B 59 25.09 25.38 17.23
CA SER B 59 25.59 26.52 18.01
C SER B 59 25.42 27.85 17.28
N VAL B 60 25.40 27.84 15.93
CA VAL B 60 25.23 29.04 15.13
C VAL B 60 23.80 29.14 14.59
N LEU B 61 22.84 28.62 15.34
CA LEU B 61 21.45 28.59 14.91
C LEU B 61 20.68 29.71 15.57
N ARG B 62 19.81 30.36 14.80
CA ARG B 62 18.90 31.37 15.32
C ARG B 62 17.47 30.86 15.24
N LEU B 63 16.76 30.90 16.38
CA LEU B 63 15.43 30.31 16.45
C LEU B 63 14.48 30.98 15.45
N HIS B 64 14.66 32.27 15.20
CA HIS B 64 13.79 33.00 14.28
C HIS B 64 13.99 32.58 12.83
N ASN B 65 15.02 31.78 12.52
CA ASN B 65 15.26 31.32 11.16
C ASN B 65 14.47 30.08 10.79
N PHE B 66 13.79 29.46 11.75
CA PHE B 66 12.90 28.33 11.48
C PHE B 66 11.58 28.82 10.93
N SER B 67 11.07 28.13 9.92
CA SER B 67 9.67 28.27 9.49
C SER B 67 9.02 26.90 9.62
N ILE B 68 8.16 26.74 10.63
CA ILE B 68 7.43 25.51 10.87
C ILE B 68 5.94 25.81 10.75
N SER B 69 5.25 25.07 9.89
CA SER B 69 3.86 25.34 9.59
C SER B 69 3.06 24.03 9.49
N SER B 70 1.85 24.06 10.05
CA SER B 70 0.83 23.04 9.81
C SER B 70 -0.17 23.65 8.83
N GLY B 71 -0.13 23.17 7.58
CA GLY B 71 -0.88 23.81 6.52
C GLY B 71 -0.45 25.26 6.32
N ASN B 72 -1.33 26.20 6.65
CA ASN B 72 -0.99 27.61 6.53
C ASN B 72 -0.89 28.29 7.89
N VAL B 73 -0.82 27.50 8.97
CA VAL B 73 -0.66 28.00 10.33
C VAL B 73 0.79 27.82 10.74
N PHE B 74 1.43 28.91 11.17
CA PHE B 74 2.84 28.87 11.50
C PHE B 74 3.02 28.72 13.01
N LEU B 75 3.99 27.90 13.40
CA LEU B 75 4.25 27.63 14.81
C LEU B 75 5.49 28.41 15.24
N GLY B 76 5.40 29.02 16.43
CA GLY B 76 6.55 29.73 16.97
C GLY B 76 7.50 28.79 17.68
N VAL B 77 8.80 28.96 17.39
CA VAL B 77 9.84 28.10 17.93
C VAL B 77 10.33 28.66 19.26
N VAL B 78 10.27 27.84 20.31
CA VAL B 78 10.68 28.23 21.65
C VAL B 78 12.10 27.75 21.97
N GLY B 79 12.42 26.52 21.59
CA GLY B 79 13.76 25.98 21.79
C GLY B 79 14.04 24.86 20.80
N VAL B 80 15.32 24.52 20.69
CA VAL B 80 15.79 23.38 19.91
C VAL B 80 16.78 22.60 20.75
N THR B 81 16.59 21.30 20.86
CA THR B 81 17.60 20.43 21.45
C THR B 81 17.94 19.33 20.46
N MET B 82 19.19 18.91 20.48
CA MET B 82 19.62 17.80 19.65
C MET B 82 19.24 16.47 20.30
N ARG B 83 18.71 15.54 19.48
CA ARG B 83 18.34 14.20 19.99
C ARG B 83 18.85 13.16 18.99
N GLY B 84 20.11 12.77 19.14
CA GLY B 84 20.70 11.87 18.16
C GLY B 84 20.63 12.46 16.76
N ALA B 85 20.02 11.74 15.82
CA ALA B 85 19.94 12.24 14.45
C ALA B 85 18.71 13.12 14.22
N LEU B 86 18.08 13.55 15.30
CA LEU B 86 16.87 14.34 15.25
C LEU B 86 17.07 15.66 15.99
N LEU B 87 16.26 16.63 15.63
CA LEU B 87 16.09 17.83 16.45
C LEU B 87 14.73 17.74 17.13
N GLN B 88 14.72 18.07 18.41
CA GLN B 88 13.51 18.24 19.19
C GLN B 88 13.26 19.74 19.30
N ILE B 89 12.22 20.22 18.61
CA ILE B 89 11.93 21.64 18.49
C ILE B 89 10.69 21.93 19.33
N LYS B 90 10.86 22.68 20.40
CA LYS B 90 9.74 23.05 21.24
C LYS B 90 9.03 24.23 20.61
N VAL B 91 7.71 24.10 20.43
CA VAL B 91 6.93 25.14 19.77
C VAL B 91 5.91 25.67 20.77
N ASN B 92 5.38 26.86 20.47
CA ASN B 92 4.46 27.52 21.40
C ASN B 92 3.00 27.04 21.29
N GLN B 93 2.69 26.07 20.44
CA GLN B 93 1.33 25.55 20.30
C GLN B 93 1.27 24.06 20.55
N ASN B 94 0.26 23.62 21.31
CA ASN B 94 -0.02 22.20 21.45
C ASN B 94 -0.79 21.70 20.22
N ASN B 95 -0.37 20.56 19.66
CA ASN B 95 -1.15 19.91 18.61
C ASN B 95 -2.40 19.31 19.25
N VAL B 96 -3.55 19.96 19.05
CA VAL B 96 -4.79 19.47 19.66
C VAL B 96 -5.17 18.12 19.10
N HIS B 97 -4.60 17.73 17.95
CA HIS B 97 -4.89 16.45 17.33
C HIS B 97 -3.83 15.38 17.65
N THR B 98 -3.03 15.58 18.70
CA THR B 98 -2.05 14.58 19.11
C THR B 98 -2.75 13.28 19.51
N PRO B 99 -2.45 12.15 18.88
CA PRO B 99 -3.00 10.88 19.34
C PRO B 99 -2.29 10.38 20.60
N LYS B 100 -2.93 9.40 21.24
CA LYS B 100 -2.20 8.55 22.18
C LYS B 100 -1.04 7.90 21.44
N TYR B 101 0.19 8.04 21.96
CA TYR B 101 1.30 7.51 21.19
C TYR B 101 2.42 6.99 22.08
N THR B 102 3.28 6.18 21.46
CA THR B 102 4.52 5.68 22.05
C THR B 102 5.61 5.67 20.98
N TYR B 103 6.85 5.48 21.44
CA TYR B 103 7.97 5.19 20.57
C TYR B 103 8.31 3.71 20.71
N ARG B 104 8.63 3.06 19.59
CA ARG B 104 9.24 1.74 19.66
C ARG B 104 10.19 1.55 18.49
N THR B 105 11.34 0.96 18.78
CA THR B 105 12.34 0.67 17.75
C THR B 105 12.06 -0.71 17.16
N VAL B 106 11.87 -0.77 15.84
CA VAL B 106 11.52 -2.04 15.19
C VAL B 106 12.78 -2.85 14.93
N ARG B 107 12.57 -4.16 14.72
CA ARG B 107 13.57 -5.19 14.46
C ARG B 107 13.48 -5.67 13.01
N PRO B 108 14.58 -6.16 12.44
CA PRO B 108 14.51 -6.73 11.09
C PRO B 108 13.40 -7.75 11.02
N GLY B 109 12.66 -7.72 9.91
CA GLY B 109 11.53 -8.59 9.70
C GLY B 109 10.19 -8.01 10.07
N GLU B 110 10.16 -6.90 10.81
CA GLU B 110 8.92 -6.33 11.32
C GLU B 110 8.30 -5.37 10.31
N SER B 111 6.97 -5.42 10.21
CA SER B 111 6.26 -4.54 9.31
C SER B 111 5.82 -3.25 10.01
N PHE B 112 5.81 -2.16 9.26
CA PHE B 112 5.22 -0.91 9.73
C PHE B 112 4.76 -0.10 8.51
N ASN B 113 4.25 1.09 8.77
CA ASN B 113 3.63 1.91 7.75
C ASN B 113 4.43 3.16 7.53
N ILE B 114 4.69 3.48 6.27
CA ILE B 114 5.30 4.75 5.91
C ILE B 114 4.19 5.67 5.44
N LEU B 115 4.18 6.88 5.98
CA LEU B 115 3.36 7.99 5.49
C LEU B 115 4.34 8.91 4.77
N ALA B 116 4.43 8.76 3.44
CA ALA B 116 5.36 9.56 2.65
C ALA B 116 4.85 10.99 2.57
N CYS B 117 5.67 11.95 2.99
CA CYS B 117 5.28 13.35 3.11
C CYS B 117 6.22 14.25 2.33
N TYR B 118 5.66 15.35 1.81
CA TYR B 118 6.43 16.35 1.11
C TYR B 118 5.86 17.71 1.47
N ASP B 119 6.76 18.67 1.76
CA ASP B 119 6.37 20.03 2.11
C ASP B 119 5.41 20.05 3.29
N GLY B 120 5.58 19.10 4.21
CA GLY B 120 4.72 19.09 5.38
C GLY B 120 3.34 18.53 5.17
N ALA B 121 3.13 17.78 4.10
CA ALA B 121 1.82 17.19 3.85
C ALA B 121 1.98 15.76 3.38
N ALA B 122 1.12 14.89 3.91
CA ALA B 122 1.11 13.49 3.53
C ALA B 122 0.73 13.36 2.06
N ALA B 123 1.49 12.55 1.33
CA ALA B 123 1.28 12.32 -0.09
C ALA B 123 0.91 10.89 -0.42
N GLY B 124 1.33 9.94 0.40
CA GLY B 124 1.05 8.54 0.12
C GLY B 124 1.32 7.71 1.35
N VAL B 125 0.82 6.48 1.33
CA VAL B 125 0.96 5.58 2.46
C VAL B 125 1.09 4.16 1.95
N TYR B 126 2.03 3.41 2.53
CA TYR B 126 2.29 2.05 2.07
C TYR B 126 2.97 1.26 3.19
N GLY B 127 2.69 -0.06 3.21
CA GLY B 127 3.37 -0.93 4.15
C GLY B 127 4.79 -1.22 3.72
N VAL B 128 5.67 -1.37 4.71
CA VAL B 128 7.07 -1.73 4.48
C VAL B 128 7.50 -2.76 5.51
N ASN B 129 8.69 -3.28 5.32
CA ASN B 129 9.24 -4.29 6.22
C ASN B 129 10.70 -3.96 6.44
N MET B 130 11.12 -3.76 7.70
CA MET B 130 12.54 -3.58 8.03
C MET B 130 13.37 -4.76 7.57
N ARG B 131 14.39 -4.49 6.75
CA ARG B 131 15.20 -5.57 6.23
C ARG B 131 16.37 -5.90 7.18
N SER B 132 17.02 -7.04 6.92
CA SER B 132 18.10 -7.50 7.79
C SER B 132 19.30 -6.55 7.82
N ASN B 133 19.47 -5.70 6.80
CA ASN B 133 20.49 -4.66 6.79
C ASN B 133 19.94 -3.30 7.21
N TYR B 134 18.76 -3.29 7.86
CA TYR B 134 18.19 -2.09 8.48
C TYR B 134 17.87 -1.00 7.46
N THR B 135 17.54 -1.40 6.24
CA THR B 135 17.00 -0.52 5.21
C THR B 135 15.57 -0.96 4.92
N ILE B 136 14.79 -0.05 4.37
CA ILE B 136 13.47 -0.46 3.86
C ILE B 136 13.46 -0.25 2.36
N ARG B 137 12.69 -1.08 1.67
CA ARG B 137 12.50 -0.94 0.23
C ARG B 137 11.31 -0.02 0.03
N GLY B 138 11.60 1.27 -0.05
CA GLY B 138 10.54 2.25 -0.14
C GLY B 138 10.56 3.02 -1.44
N SER B 139 9.83 4.13 -1.45
CA SER B 139 9.83 5.06 -2.56
C SER B 139 9.85 6.47 -1.95
N PHE B 140 10.97 7.17 -2.11
CA PHE B 140 11.20 8.48 -1.52
C PHE B 140 12.03 9.30 -2.49
N ILE B 141 11.72 10.59 -2.60
CA ILE B 141 12.60 11.52 -3.31
C ILE B 141 12.94 12.64 -2.34
N ASN B 142 13.85 13.52 -2.76
CA ASN B 142 14.29 14.63 -1.92
C ASN B 142 13.07 15.38 -1.38
N GLY B 143 13.17 15.82 -0.10
CA GLY B 143 12.05 16.42 0.59
C GLY B 143 11.25 15.45 1.44
N ALA B 144 11.47 14.14 1.30
CA ALA B 144 10.72 13.14 2.02
C ALA B 144 11.18 12.97 3.47
N ALA B 145 12.40 13.43 3.81
CA ALA B 145 12.92 13.18 5.15
C ALA B 145 11.98 13.76 6.21
N GLY B 146 11.86 13.07 7.33
CA GLY B 146 10.89 13.38 8.35
C GLY B 146 9.58 12.64 8.18
N SER B 147 9.38 11.98 7.04
CA SER B 147 8.18 11.16 6.87
C SER B 147 8.17 10.08 7.94
N PRO B 148 7.07 9.92 8.68
CA PRO B 148 7.08 8.97 9.79
C PRO B 148 6.73 7.55 9.38
N GLY B 149 7.34 6.63 10.11
CA GLY B 149 6.91 5.23 10.12
C GLY B 149 6.16 4.96 11.42
N TYR B 150 5.06 4.23 11.32
CA TYR B 150 4.21 4.05 12.49
C TYR B 150 3.50 2.70 12.40
N ASN B 151 3.05 2.23 13.56
CA ASN B 151 2.08 1.14 13.68
C ASN B 151 0.96 1.61 14.58
N ILE B 152 -0.25 1.15 14.31
CA ILE B 152 -1.40 1.45 15.16
C ILE B 152 -1.80 0.18 15.89
N ASN B 153 -1.78 0.24 17.22
CA ASN B 153 -2.12 -0.90 18.07
C ASN B 153 -3.13 -0.47 19.12
N ASN B 154 -4.38 -0.91 18.95
CA ASN B 154 -5.42 -0.70 19.94
C ASN B 154 -5.63 0.79 20.18
N GLY B 155 -5.60 1.58 19.10
CA GLY B 155 -5.78 3.01 19.18
C GLY B 155 -4.54 3.81 19.53
N THR B 156 -3.45 3.16 19.96
CA THR B 156 -2.22 3.88 20.25
C THR B 156 -1.29 3.83 19.05
N VAL B 157 -0.87 5.01 18.59
CA VAL B 157 0.10 5.10 17.51
C VAL B 157 1.49 4.87 18.07
N GLU B 158 2.17 3.85 17.55
CA GLU B 158 3.55 3.54 17.89
C GLU B 158 4.42 4.09 16.76
N PHE B 159 5.17 5.14 17.05
CA PHE B 159 6.05 5.75 16.06
C PHE B 159 7.42 5.07 16.11
N CYS B 160 7.88 4.59 14.95
CA CYS B 160 9.09 3.79 14.88
C CYS B 160 10.10 4.26 13.85
N TYR B 161 9.83 5.33 13.14
CA TYR B 161 10.70 5.68 12.02
C TYR B 161 10.46 7.14 11.66
N LEU B 162 11.53 7.88 11.43
CA LEU B 162 11.46 9.13 10.69
C LEU B 162 12.48 9.03 9.59
N HIS B 163 12.05 9.28 8.36
CA HIS B 163 12.95 9.11 7.22
C HIS B 163 14.12 10.09 7.27
N GLN B 164 15.29 9.60 6.85
CA GLN B 164 16.53 10.36 6.93
C GLN B 164 17.23 10.50 5.57
N LEU B 165 17.49 9.40 4.87
CA LEU B 165 18.41 9.42 3.74
C LEU B 165 18.17 8.21 2.86
N GLU B 166 18.68 8.32 1.64
CA GLU B 166 18.75 7.21 0.71
C GLU B 166 20.21 6.80 0.54
N LEU B 167 20.50 5.52 0.70
CA LEU B 167 21.85 5.04 0.48
C LEU B 167 22.17 5.08 -1.01
N GLY B 168 23.47 5.20 -1.32
CA GLY B 168 23.94 5.36 -2.68
C GLY B 168 23.29 4.43 -3.69
N SER B 169 22.81 3.27 -3.23
CA SER B 169 22.13 2.30 -4.07
C SER B 169 20.61 2.52 -4.13
N GLY B 170 20.07 3.40 -3.31
CA GLY B 170 18.62 3.58 -3.27
C GLY B 170 17.92 2.81 -2.17
N CYS B 171 18.66 2.28 -1.20
CA CYS B 171 18.04 1.84 0.03
C CYS B 171 17.60 3.06 0.84
N HIS B 172 16.61 2.87 1.67
CA HIS B 172 16.08 3.96 2.47
C HIS B 172 16.37 3.70 3.93
N VAL B 173 16.83 4.73 4.62
CA VAL B 173 17.24 4.61 6.02
C VAL B 173 16.57 5.72 6.81
N GLY B 174 16.07 5.38 7.99
CA GLY B 174 15.58 6.36 8.94
C GLY B 174 16.20 6.14 10.31
N SER B 175 15.76 6.97 11.23
CA SER B 175 16.10 6.82 12.64
C SER B 175 14.82 6.51 13.37
N ASP B 176 14.96 5.91 14.57
CA ASP B 176 13.80 5.83 15.43
C ASP B 176 13.56 7.21 16.03
N LEU B 177 12.51 7.31 16.84
CA LEU B 177 12.12 8.61 17.38
C LEU B 177 12.98 9.03 18.57
N ASP B 178 13.82 8.15 19.07
CA ASP B 178 14.89 8.57 19.98
C ASP B 178 16.13 9.08 19.24
N GLY B 179 16.11 9.06 17.92
CA GLY B 179 17.19 9.57 17.09
C GLY B 179 18.33 8.61 16.85
N VAL B 180 18.15 7.32 17.12
CA VAL B 180 19.13 6.30 16.78
C VAL B 180 18.89 5.85 15.34
N MET B 181 19.89 6.03 14.48
CA MET B 181 19.79 5.57 13.10
C MET B 181 19.65 4.05 13.06
N TYR B 182 18.68 3.55 12.29
CA TYR B 182 18.64 2.13 11.99
C TYR B 182 19.90 1.71 11.24
N GLY B 183 20.47 0.57 11.64
CA GLY B 183 21.66 0.04 11.01
C GLY B 183 22.93 0.80 11.30
N GLY B 184 22.87 1.85 12.12
CA GLY B 184 24.05 2.63 12.44
C GLY B 184 24.59 3.49 11.32
N TYR B 185 23.84 3.73 10.26
CA TYR B 185 24.33 4.57 9.18
C TYR B 185 24.41 6.03 9.65
N GLU B 186 25.31 6.79 9.03
CA GLU B 186 25.51 8.17 9.41
C GLU B 186 24.66 9.10 8.56
N ASP B 187 24.14 10.17 9.16
CA ASP B 187 23.45 11.20 8.37
C ASP B 187 24.49 12.19 7.84
N GLN B 188 25.32 11.67 6.93
CA GLN B 188 26.43 12.35 6.30
C GLN B 188 26.43 11.98 4.83
N PRO B 189 26.67 12.94 3.93
CA PRO B 189 26.60 12.66 2.48
C PRO B 189 27.84 11.92 1.98
N THR B 190 28.08 10.73 2.55
CA THR B 190 29.35 10.04 2.37
C THR B 190 29.14 8.69 1.72
N LEU B 191 30.25 8.05 1.36
CA LEU B 191 30.20 6.78 0.63
C LEU B 191 30.11 5.62 1.63
N GLN B 192 28.96 5.53 2.28
CA GLN B 192 28.63 4.33 3.02
C GLN B 192 27.84 3.38 2.12
N VAL B 193 28.06 2.08 2.32
CA VAL B 193 27.37 1.05 1.56
C VAL B 193 26.67 0.09 2.52
N GLU B 194 25.49 -0.38 2.12
CA GLU B 194 24.64 -1.16 3.00
C GLU B 194 25.19 -2.56 3.18
N GLY B 195 24.92 -3.14 4.35
CA GLY B 195 25.09 -4.56 4.51
C GLY B 195 24.28 -5.33 3.48
N ALA B 196 24.67 -6.60 3.30
CA ALA B 196 24.04 -7.44 2.30
C ALA B 196 22.55 -7.63 2.60
N SER B 197 21.72 -7.38 1.61
CA SER B 197 20.29 -7.61 1.76
C SER B 197 20.02 -9.10 1.61
N SER B 198 19.41 -9.70 2.64
CA SER B 198 18.93 -11.07 2.59
C SER B 198 17.42 -11.10 2.72
N LEU B 199 16.83 -12.16 2.18
CA LEU B 199 15.40 -12.39 2.33
C LEU B 199 15.11 -12.85 3.75
N PHE B 200 14.11 -12.24 4.38
CA PHE B 200 13.73 -12.62 5.75
C PHE B 200 12.90 -13.91 5.68
N THR B 201 13.54 -15.03 6.04
CA THR B 201 12.97 -16.35 5.79
C THR B 201 11.65 -16.56 6.52
N GLU B 202 11.57 -16.08 7.77
CA GLU B 202 10.37 -16.30 8.57
C GLU B 202 9.17 -15.64 7.92
N ASN B 203 9.39 -14.48 7.30
CA ASN B 203 8.36 -13.83 6.50
C ASN B 203 8.04 -14.64 5.25
N VAL B 204 9.05 -15.25 4.61
CA VAL B 204 8.78 -16.13 3.47
C VAL B 204 7.87 -17.28 3.89
N LEU B 205 8.10 -17.83 5.09
CA LEU B 205 7.27 -18.93 5.58
C LEU B 205 5.82 -18.48 5.76
N ALA B 206 5.62 -17.30 6.34
CA ALA B 206 4.26 -16.78 6.47
C ALA B 206 3.58 -16.64 5.12
N PHE B 207 4.31 -16.15 4.12
CA PHE B 207 3.76 -16.01 2.77
C PHE B 207 3.43 -17.36 2.15
N LEU B 208 4.31 -18.36 2.32
CA LEU B 208 4.03 -19.67 1.74
C LEU B 208 2.81 -20.31 2.38
N TYR B 209 2.64 -20.13 3.69
CA TYR B 209 1.42 -20.58 4.35
C TYR B 209 0.20 -19.86 3.81
N ALA B 210 0.27 -18.53 3.70
CA ALA B 210 -0.81 -17.78 3.07
C ALA B 210 -1.18 -18.39 1.72
N ALA B 211 -0.15 -18.67 0.90
CA ALA B 211 -0.38 -19.24 -0.41
C ALA B 211 -1.12 -20.56 -0.32
N LEU B 212 -0.73 -21.44 0.63
CA LEU B 212 -1.42 -22.71 0.79
C LEU B 212 -2.90 -22.48 1.11
N ILE B 213 -3.17 -21.59 2.07
CA ILE B 213 -4.54 -21.27 2.44
C ILE B 213 -5.33 -20.73 1.24
N ASN B 214 -4.67 -20.02 0.34
CA ASN B 214 -5.33 -19.47 -0.83
C ASN B 214 -5.26 -20.38 -2.05
N GLY B 215 -4.91 -21.66 -1.86
CA GLY B 215 -4.98 -22.62 -2.94
C GLY B 215 -3.73 -22.79 -3.78
N SER B 216 -2.62 -22.14 -3.42
CA SER B 216 -1.37 -22.25 -4.18
C SER B 216 -0.56 -23.40 -3.62
N THR B 217 -0.37 -24.46 -4.42
CA THR B 217 0.33 -25.64 -3.96
C THR B 217 1.34 -26.20 -4.95
N TRP B 218 1.50 -25.60 -6.14
CA TRP B 218 2.37 -26.19 -7.16
C TRP B 218 3.82 -26.31 -6.68
N TRP B 219 4.23 -25.42 -5.76
CA TRP B 219 5.63 -25.27 -5.34
C TRP B 219 5.97 -26.15 -4.13
N LEU B 220 4.99 -26.88 -3.59
CA LEU B 220 5.14 -27.56 -2.31
C LEU B 220 6.02 -28.80 -2.46
N SER B 221 7.20 -28.77 -1.85
CA SER B 221 8.09 -29.92 -1.86
C SER B 221 7.51 -31.06 -1.04
N SER B 222 7.89 -32.28 -1.43
CA SER B 222 7.65 -33.45 -0.61
C SER B 222 8.80 -33.75 0.33
N SER B 223 9.97 -33.14 0.10
CA SER B 223 11.12 -33.31 0.98
C SER B 223 10.96 -32.46 2.22
N ARG B 224 11.88 -32.66 3.16
CA ARG B 224 11.92 -31.93 4.42
C ARG B 224 13.37 -31.61 4.74
N ILE B 225 13.61 -30.51 5.47
CA ILE B 225 14.94 -30.19 5.97
C ILE B 225 14.82 -29.57 7.37
N ALA B 226 15.74 -29.96 8.26
CA ALA B 226 15.73 -29.45 9.63
C ALA B 226 16.02 -27.95 9.63
N VAL B 227 15.45 -27.25 10.62
CA VAL B 227 15.62 -25.80 10.69
C VAL B 227 17.09 -25.42 10.74
N ASP B 228 17.89 -26.12 11.56
CA ASP B 228 19.29 -25.73 11.69
C ASP B 228 20.09 -26.05 10.44
N ARG B 229 19.75 -27.14 9.75
CA ARG B 229 20.42 -27.46 8.49
C ARG B 229 20.10 -26.44 7.42
N PHE B 230 18.82 -26.07 7.31
CA PHE B 230 18.44 -24.99 6.41
C PHE B 230 19.19 -23.70 6.76
N ASN B 231 19.30 -23.38 8.05
CA ASN B 231 19.97 -22.13 8.45
C ASN B 231 21.40 -22.07 7.96
N GLU B 232 22.10 -23.20 7.95
CA GLU B 232 23.46 -23.20 7.45
C GLU B 232 23.49 -22.92 5.94
N TRP B 233 22.52 -23.45 5.21
CA TRP B 233 22.40 -23.14 3.78
C TRP B 233 21.99 -21.69 3.54
N ALA B 234 21.15 -21.14 4.41
CA ALA B 234 20.57 -19.81 4.16
C ALA B 234 21.63 -18.72 4.17
N VAL B 235 22.58 -18.76 5.12
CA VAL B 235 23.59 -17.73 5.23
C VAL B 235 24.64 -17.87 4.13
N HIS B 236 24.50 -18.88 3.28
CA HIS B 236 25.28 -18.98 2.04
C HIS B 236 24.41 -18.74 0.81
N ASN B 237 23.13 -18.38 0.99
CA ASN B 237 22.21 -18.24 -0.13
C ASN B 237 21.27 -17.06 0.04
N GLY B 238 21.70 -16.02 0.73
CA GLY B 238 20.95 -14.77 0.75
C GLY B 238 19.62 -14.81 1.48
N MET B 239 19.50 -15.60 2.56
CA MET B 239 18.28 -15.71 3.35
C MET B 239 18.67 -15.66 4.82
N THR B 240 17.81 -15.05 5.64
CA THR B 240 18.08 -15.07 7.08
C THR B 240 17.83 -16.46 7.67
N THR B 241 18.34 -16.64 8.89
CA THR B 241 18.13 -17.87 9.63
C THR B 241 16.72 -17.87 10.20
N VAL B 242 16.17 -19.06 10.40
CA VAL B 242 14.90 -19.24 11.10
C VAL B 242 15.20 -19.42 12.57
N VAL B 243 14.60 -18.57 13.40
CA VAL B 243 14.84 -18.57 14.84
C VAL B 243 13.57 -18.81 15.63
N ASN B 244 12.44 -18.28 15.18
CA ASN B 244 11.15 -18.54 15.81
C ASN B 244 10.31 -19.42 14.90
N THR B 245 9.74 -20.48 15.49
CA THR B 245 8.86 -21.39 14.77
C THR B 245 7.50 -21.58 15.42
N ASP B 246 7.34 -21.25 16.72
CA ASP B 246 6.04 -21.44 17.36
C ASP B 246 4.96 -20.61 16.70
N CYS B 247 5.31 -19.44 16.15
CA CYS B 247 4.31 -18.63 15.47
C CYS B 247 3.69 -19.33 14.25
N PHE B 248 4.23 -20.47 13.83
CA PHE B 248 3.73 -21.18 12.67
C PHE B 248 2.84 -22.36 13.01
N SER B 249 2.72 -22.73 14.29
CA SER B 249 1.92 -23.89 14.68
C SER B 249 0.47 -23.76 14.21
N ILE B 250 -0.09 -22.56 14.31
CA ILE B 250 -1.48 -22.33 13.86
C ILE B 250 -1.60 -22.62 12.37
N PHE B 251 -0.65 -22.14 11.58
CA PHE B 251 -0.68 -22.40 10.14
C PHE B 251 -0.46 -23.86 9.83
N ALA B 252 0.56 -24.47 10.44
CA ALA B 252 0.81 -25.90 10.20
C ALA B 252 -0.43 -26.73 10.47
N ALA B 253 -1.19 -26.37 11.50
CA ALA B 253 -2.40 -27.12 11.85
C ALA B 253 -3.50 -26.91 10.82
N LYS B 254 -3.73 -25.67 10.39
CA LYS B 254 -4.76 -25.45 9.38
C LYS B 254 -4.40 -26.04 8.02
N THR B 255 -3.13 -26.00 7.63
CA THR B 255 -2.74 -26.46 6.30
C THR B 255 -2.28 -27.91 6.27
N GLY B 256 -1.92 -28.49 7.40
CA GLY B 256 -1.32 -29.81 7.43
C GLY B 256 0.14 -29.85 7.00
N VAL B 257 0.74 -28.71 6.66
CA VAL B 257 2.11 -28.66 6.15
C VAL B 257 2.99 -28.05 7.24
N ASP B 258 4.03 -28.78 7.62
CA ASP B 258 4.93 -28.29 8.65
C ASP B 258 6.03 -27.42 8.02
N VAL B 259 6.77 -26.73 8.89
CA VAL B 259 7.77 -25.75 8.48
C VAL B 259 8.89 -26.43 7.70
N GLN B 260 9.15 -27.70 7.98
CA GLN B 260 10.30 -28.38 7.41
C GLN B 260 10.08 -28.63 5.92
N ARG B 261 8.86 -29.02 5.54
CA ARG B 261 8.48 -29.10 4.14
C ARG B 261 8.57 -27.74 3.45
N LEU B 262 8.17 -26.67 4.15
CA LEU B 262 8.25 -25.33 3.55
C LEU B 262 9.70 -24.91 3.34
N LEU B 263 10.60 -25.26 4.27
CA LEU B 263 12.01 -24.92 4.12
C LEU B 263 12.61 -25.65 2.93
N ALA B 264 12.22 -26.92 2.74
CA ALA B 264 12.65 -27.65 1.56
C ALA B 264 12.07 -27.03 0.30
N SER B 265 10.79 -26.65 0.32
CA SER B 265 10.24 -25.92 -0.82
C SER B 265 11.03 -24.67 -1.10
N ILE B 266 11.44 -23.95 -0.05
CA ILE B 266 12.17 -22.70 -0.27
C ILE B 266 13.48 -22.98 -1.02
N GLN B 267 14.15 -24.08 -0.69
CA GLN B 267 15.40 -24.38 -1.38
C GLN B 267 15.13 -24.69 -2.85
N SER B 268 14.12 -25.50 -3.12
CA SER B 268 13.78 -25.87 -4.49
C SER B 268 13.29 -24.69 -5.33
N LEU B 269 12.72 -23.67 -4.71
CA LEU B 269 12.33 -22.46 -5.43
C LEU B 269 13.52 -21.60 -5.78
N HIS B 270 14.61 -21.70 -5.01
CA HIS B 270 15.81 -20.93 -5.26
C HIS B 270 16.48 -21.33 -6.57
N LYS B 271 16.31 -22.58 -7.00
CA LYS B 271 17.02 -23.08 -8.19
C LYS B 271 16.17 -23.09 -9.46
N ASN B 272 14.87 -22.87 -9.36
CA ASN B 272 14.14 -22.47 -10.56
C ASN B 272 13.52 -21.11 -10.25
N PHE B 273 14.34 -20.20 -9.74
CA PHE B 273 13.87 -18.90 -9.28
C PHE B 273 13.34 -18.06 -10.42
N GLY B 274 12.02 -17.85 -10.46
CA GLY B 274 11.37 -17.08 -11.50
C GLY B 274 10.53 -17.91 -12.46
N GLY B 275 10.53 -19.24 -12.33
CA GLY B 275 9.78 -20.06 -13.27
C GLY B 275 8.29 -19.93 -13.13
N LYS B 276 7.83 -19.48 -11.97
CA LYS B 276 6.40 -19.37 -11.76
C LYS B 276 6.19 -18.46 -10.57
N GLN B 277 5.08 -17.77 -10.58
CA GLN B 277 4.76 -16.86 -9.51
C GLN B 277 3.92 -17.59 -8.47
N ILE B 278 3.85 -16.98 -7.29
CA ILE B 278 3.07 -17.54 -6.19
C ILE B 278 2.04 -16.48 -5.80
N LEU B 279 0.76 -16.80 -5.94
CA LEU B 279 -0.32 -15.83 -5.67
C LEU B 279 -0.10 -14.52 -6.40
N GLY B 280 0.54 -14.56 -7.58
CA GLY B 280 0.90 -13.36 -8.28
C GLY B 280 2.26 -12.76 -7.93
N TYR B 281 2.83 -13.08 -6.78
CA TYR B 281 4.12 -12.51 -6.38
C TYR B 281 5.30 -13.40 -6.75
N THR B 282 6.48 -12.78 -6.79
CA THR B 282 7.70 -13.56 -6.82
C THR B 282 7.67 -14.58 -5.71
N SER B 283 8.17 -15.78 -6.02
CA SER B 283 7.95 -16.92 -5.15
C SER B 283 8.58 -16.73 -3.77
N LEU B 284 9.65 -15.95 -3.66
CA LEU B 284 10.33 -15.79 -2.37
C LEU B 284 10.03 -14.44 -1.73
N THR B 285 8.76 -14.03 -1.65
CA THR B 285 8.43 -12.72 -1.09
C THR B 285 8.58 -12.75 0.43
N ASP B 286 9.29 -11.75 0.97
CA ASP B 286 9.56 -11.71 2.41
C ASP B 286 8.97 -10.47 3.09
N GLU B 287 8.01 -9.81 2.45
CA GLU B 287 7.44 -8.59 2.99
C GLU B 287 6.22 -8.80 3.88
N PHE B 288 5.69 -10.03 3.95
CA PHE B 288 4.53 -10.33 4.77
C PHE B 288 4.93 -11.03 6.07
N THR B 289 4.50 -10.49 7.20
CA THR B 289 4.68 -11.14 8.48
C THR B 289 3.51 -12.08 8.77
N THR B 290 3.71 -13.00 9.73
CA THR B 290 2.62 -13.87 10.18
C THR B 290 1.44 -13.07 10.71
N GLY B 291 1.69 -11.94 11.37
CA GLY B 291 0.60 -11.12 11.87
C GLY B 291 -0.26 -10.55 10.74
N GLU B 292 0.39 -10.08 9.68
CA GLU B 292 -0.34 -9.57 8.52
C GLU B 292 -1.15 -10.68 7.85
N VAL B 293 -0.56 -11.87 7.72
CA VAL B 293 -1.26 -12.98 7.07
C VAL B 293 -2.48 -13.37 7.87
N ILE B 294 -2.33 -13.48 9.20
CA ILE B 294 -3.47 -13.80 10.06
C ILE B 294 -4.58 -12.76 9.91
N ARG B 295 -4.21 -11.48 9.91
CA ARG B 295 -5.18 -10.40 9.79
C ARG B 295 -5.97 -10.48 8.48
N GLN B 296 -5.32 -10.87 7.39
CA GLN B 296 -5.98 -10.87 6.08
C GLN B 296 -6.69 -12.18 5.76
N MET B 297 -6.25 -13.31 6.32
CA MET B 297 -7.01 -14.53 6.06
C MET B 297 -8.19 -14.69 7.02
N TYR B 298 -8.04 -14.27 8.28
CA TYR B 298 -9.09 -14.55 9.25
C TYR B 298 -9.64 -13.35 10.00
N GLY B 299 -9.12 -12.15 9.77
CA GLY B 299 -9.65 -10.96 10.43
C GLY B 299 -9.31 -10.81 11.89
N VAL B 300 -8.46 -11.67 12.45
CA VAL B 300 -8.22 -11.64 13.90
C VAL B 300 -6.87 -11.01 14.27
N THR C 1 -18.08 -19.61 -8.55
CA THR C 1 -19.24 -19.32 -7.70
C THR C 1 -19.06 -18.02 -6.92
N VAL C 2 -19.88 -17.04 -7.27
CA VAL C 2 -19.77 -15.72 -6.67
C VAL C 2 -20.01 -15.77 -5.17
N ARG C 3 -19.18 -15.04 -4.41
CA ARG C 3 -19.34 -14.90 -2.97
C ARG C 3 -19.70 -13.45 -2.65
N LEU C 4 -20.89 -13.23 -2.09
CA LEU C 4 -21.34 -11.91 -1.70
C LEU C 4 -20.71 -11.56 -0.35
N GLN C 5 -19.99 -10.44 -0.27
CA GLN C 5 -19.18 -10.18 0.94
C GLN C 5 -19.69 -9.06 1.85
N THR D 1 27.05 6.32 -2.43
CA THR D 1 27.12 7.67 -1.88
C THR D 1 25.78 8.11 -1.30
N VAL D 2 25.77 8.31 0.02
CA VAL D 2 24.52 8.60 0.73
C VAL D 2 23.92 9.92 0.25
N ARG D 3 22.60 9.94 0.09
CA ARG D 3 21.87 11.17 -0.21
C ARG D 3 20.91 11.50 0.94
N LEU D 4 21.21 12.59 1.65
CA LEU D 4 20.32 13.10 2.68
C LEU D 4 19.10 13.73 2.02
N GLN D 5 17.89 13.30 2.43
CA GLN D 5 16.67 13.66 1.70
C GLN D 5 15.80 14.68 2.44
#